data_2FDG
#
_entry.id   2FDG
#
_cell.length_a   40.466
_cell.length_b   40.466
_cell.length_c   117.366
_cell.angle_alpha   90.00
_cell.angle_beta   90.00
_cell.angle_gamma   90.00
#
_symmetry.space_group_name_H-M   'P 43'
#
loop_
_entity.id
_entity.type
_entity.pdbx_description
1 polymer "5'-D(P*TP*(MA7)P*T)-3'"
2 polymer 'Alkylated DNA repair protein alkB'
3 non-polymer 'FE (II) ION'
4 non-polymer 'SUCCINIC ACID'
5 water water
#
loop_
_entity_poly.entity_id
_entity_poly.type
_entity_poly.pdbx_seq_one_letter_code
_entity_poly.pdbx_strand_id
1 'polydeoxyribonucleotide' (DT)(MA7)(DT) B
2 'polypeptide(L)'
;MQEPLAAGAVILRRFAFNAAEQLIRDINDVASQSPFRQMVTPGGYTMSVAMTNCGHLGWTTHRQGYLYSPIDPQTNKPWP
AMPQSFHNLCQRAATAAGYPDFQPDACLINRYAPGAKLSLHQDKDEPDLRAPIVSVSLGLPAIFQFGGLKRNDPLKRLLL
EHGDVVVWGGESRLFYHGIQPLKAGFHPLTIDCRYNLTFRQAGKKENLYFQ
;
A
#
# COMPACT_ATOMS: atom_id res chain seq x y z
N LEU B 5 18.48 -6.78 -2.49
CA LEU B 5 18.13 -8.22 -2.29
C LEU B 5 17.17 -8.36 -1.12
N ALA B 6 16.10 -9.11 -1.35
CA ALA B 6 15.07 -9.38 -0.34
C ALA B 6 14.45 -10.73 -0.66
N ALA B 7 14.74 -11.72 0.18
CA ALA B 7 14.24 -13.10 0.03
C ALA B 7 12.71 -13.20 0.01
N GLY B 8 12.21 -13.80 -1.06
CA GLY B 8 10.78 -13.99 -1.23
C GLY B 8 10.08 -12.86 -1.99
N ALA B 9 10.80 -11.75 -2.17
CA ALA B 9 10.27 -10.59 -2.90
C ALA B 9 10.44 -10.73 -4.40
N VAL B 10 9.37 -10.44 -5.13
CA VAL B 10 9.37 -10.49 -6.59
C VAL B 10 9.10 -9.05 -7.04
N ILE B 11 10.16 -8.39 -7.50
CA ILE B 11 10.10 -7.01 -7.97
C ILE B 11 9.83 -6.97 -9.48
N LEU B 12 8.68 -6.40 -9.84
CA LEU B 12 8.23 -6.25 -11.21
C LEU B 12 8.11 -4.76 -11.54
N ARG B 13 9.26 -4.13 -11.83
CA ARG B 13 9.30 -2.71 -12.16
C ARG B 13 8.55 -2.35 -13.43
N ARG B 14 7.74 -1.28 -13.35
CA ARG B 14 6.92 -0.75 -14.44
C ARG B 14 5.81 -1.68 -14.96
N PHE B 15 5.48 -2.69 -14.16
CA PHE B 15 4.45 -3.69 -14.50
C PHE B 15 3.06 -3.07 -14.65
N ALA B 16 2.78 -2.03 -13.87
CA ALA B 16 1.50 -1.35 -13.88
C ALA B 16 1.46 -0.06 -14.69
N PHE B 17 2.43 0.11 -15.60
CA PHE B 17 2.53 1.30 -16.45
C PHE B 17 1.31 1.49 -17.37
N ASN B 18 0.86 0.40 -17.99
CA ASN B 18 -0.29 0.44 -18.92
C ASN B 18 -1.61 0.70 -18.21
N ALA B 19 -1.78 0.11 -17.03
CA ALA B 19 -3.00 0.27 -16.24
C ALA B 19 -3.05 1.55 -15.41
N ALA B 20 -1.91 2.25 -15.31
CA ALA B 20 -1.74 3.48 -14.51
C ALA B 20 -2.82 4.56 -14.55
N GLU B 21 -3.22 4.96 -15.77
CA GLU B 21 -4.25 5.99 -15.97
C GLU B 21 -5.61 5.61 -15.41
N GLN B 22 -6.01 4.36 -15.66
CA GLN B 22 -7.29 3.84 -15.19
C GLN B 22 -7.27 3.67 -13.67
N LEU B 23 -6.11 3.31 -13.13
CA LEU B 23 -5.91 3.13 -11.69
C LEU B 23 -6.09 4.45 -10.94
N ILE B 24 -5.55 5.53 -11.52
CA ILE B 24 -5.64 6.88 -10.96
C ILE B 24 -7.08 7.41 -11.00
N ARG B 25 -7.82 7.07 -12.07
CA ARG B 25 -9.24 7.45 -12.23
C ARG B 25 -10.05 6.73 -11.16
N ASP B 26 -9.67 5.47 -10.91
CA ASP B 26 -10.32 4.62 -9.92
C ASP B 26 -9.98 4.98 -8.47
N ILE B 27 -8.82 5.60 -8.25
CA ILE B 27 -8.40 6.07 -6.93
C ILE B 27 -9.28 7.27 -6.60
N ASN B 28 -9.46 8.18 -7.58
CA ASN B 28 -10.31 9.37 -7.42
C ASN B 28 -11.78 9.01 -7.17
N ASP B 29 -12.20 7.88 -7.75
CA ASP B 29 -13.56 7.33 -7.63
C ASP B 29 -13.74 6.78 -6.20
N VAL B 30 -12.72 6.08 -5.70
CA VAL B 30 -12.72 5.51 -4.34
C VAL B 30 -12.71 6.67 -3.33
N ALA B 31 -11.86 7.68 -3.60
CA ALA B 31 -11.70 8.86 -2.76
C ALA B 31 -12.94 9.75 -2.62
N SER B 32 -13.85 9.66 -3.58
CA SER B 32 -15.09 10.44 -3.56
C SER B 32 -16.12 9.87 -2.55
N GLN B 33 -16.00 8.57 -2.25
CA GLN B 33 -16.88 7.90 -1.29
C GLN B 33 -16.17 7.81 0.08
N SER B 34 -14.89 7.44 0.07
CA SER B 34 -14.07 7.33 1.27
C SER B 34 -12.86 8.22 1.05
N PRO B 35 -12.91 9.49 1.55
CA PRO B 35 -11.80 10.44 1.37
C PRO B 35 -10.48 10.06 2.02
N PHE B 36 -9.42 10.61 1.46
CA PHE B 36 -8.08 10.43 1.99
C PHE B 36 -8.06 11.19 3.31
N ARG B 37 -7.59 10.52 4.35
CA ARG B 37 -7.48 11.14 5.66
C ARG B 37 -6.17 10.74 6.29
N GLN B 38 -5.60 11.67 7.03
CA GLN B 38 -4.37 11.42 7.74
C GLN B 38 -4.80 10.83 9.08
N MET B 39 -4.74 9.49 9.15
CA MET B 39 -5.13 8.72 10.33
C MET B 39 -4.37 9.05 11.60
N VAL B 40 -5.11 9.06 12.72
CA VAL B 40 -4.55 9.34 14.03
C VAL B 40 -4.12 8.03 14.69
N THR B 41 -2.83 7.95 14.99
CA THR B 41 -2.20 6.78 15.63
C THR B 41 -2.73 6.64 17.09
N PRO B 42 -2.76 5.41 17.68
CA PRO B 42 -3.26 5.23 19.06
C PRO B 42 -2.69 6.16 20.13
N GLY B 43 -1.49 6.68 19.89
CA GLY B 43 -0.83 7.60 20.81
C GLY B 43 -1.26 9.05 20.65
N GLY B 44 -2.09 9.33 19.65
CA GLY B 44 -2.58 10.69 19.41
C GLY B 44 -1.88 11.52 18.34
N TYR B 45 -1.02 10.89 17.54
CA TYR B 45 -0.27 11.59 16.50
C TYR B 45 -0.77 11.28 15.08
N THR B 46 -1.05 12.32 14.32
CA THR B 46 -1.53 12.19 12.94
C THR B 46 -0.39 11.77 12.00
N MET B 47 -0.67 10.78 11.16
CA MET B 47 0.30 10.28 10.18
C MET B 47 0.45 11.29 9.05
N SER B 48 1.65 11.39 8.46
CA SER B 48 1.88 12.33 7.35
C SER B 48 1.33 11.77 6.03
N VAL B 49 1.25 10.45 5.94
CA VAL B 49 0.71 9.78 4.77
C VAL B 49 -0.80 9.73 4.91
N ALA B 50 -1.50 10.19 3.88
CA ALA B 50 -2.95 10.20 3.85
C ALA B 50 -3.39 8.83 3.34
N MET B 51 -4.40 8.25 3.98
CA MET B 51 -4.88 6.93 3.60
C MET B 51 -6.38 6.79 3.40
N THR B 52 -6.74 5.68 2.74
CA THR B 52 -8.11 5.25 2.49
C THR B 52 -8.01 3.80 2.01
N ASN B 53 -9.16 3.14 1.86
CA ASN B 53 -9.21 1.75 1.40
C ASN B 53 -10.38 1.48 0.48
N CYS B 54 -10.30 0.31 -0.15
CA CYS B 54 -11.34 -0.23 -1.01
C CYS B 54 -11.27 -1.74 -0.85
N GLY B 55 -12.43 -2.39 -0.97
CA GLY B 55 -12.53 -3.84 -0.80
C GLY B 55 -13.53 -4.08 0.32
N HIS B 56 -13.65 -5.33 0.77
CA HIS B 56 -14.59 -5.67 1.86
C HIS B 56 -14.07 -5.19 3.19
N LEU B 57 -12.75 -5.29 3.36
CA LEU B 57 -12.08 -4.86 4.58
C LEU B 57 -11.12 -3.73 4.28
N GLY B 58 -10.84 -2.96 5.33
CA GLY B 58 -9.94 -1.84 5.20
C GLY B 58 -9.16 -1.53 6.45
N TRP B 59 -7.86 -1.30 6.28
CA TRP B 59 -6.95 -0.99 7.38
C TRP B 59 -7.20 0.41 7.93
N THR B 60 -7.21 0.48 9.26
CA THR B 60 -7.41 1.72 9.99
C THR B 60 -6.83 1.64 11.39
N THR B 61 -6.67 2.82 11.99
CA THR B 61 -6.18 2.94 13.34
C THR B 61 -7.40 3.12 14.24
N HIS B 62 -7.30 2.65 15.49
CA HIS B 62 -8.37 2.81 16.46
C HIS B 62 -7.70 3.03 17.82
N ARG B 63 -8.50 3.05 18.89
CA ARG B 63 -7.98 3.28 20.25
C ARG B 63 -6.96 2.25 20.76
N GLN B 64 -7.32 0.95 20.69
CA GLN B 64 -6.44 -0.12 21.18
C GLN B 64 -5.36 -0.68 20.21
N GLY B 65 -5.18 -0.02 19.08
CA GLY B 65 -4.17 -0.46 18.12
C GLY B 65 -4.57 -0.28 16.67
N TYR B 66 -4.20 -1.26 15.85
CA TYR B 66 -4.50 -1.27 14.41
C TYR B 66 -5.40 -2.46 14.11
N LEU B 67 -6.33 -2.29 13.18
CA LEU B 67 -7.24 -3.35 12.76
C LEU B 67 -7.84 -3.15 11.38
N TYR B 68 -8.47 -4.22 10.90
CA TYR B 68 -9.18 -4.22 9.63
C TYR B 68 -10.64 -4.12 10.01
N SER B 69 -11.36 -3.25 9.30
CA SER B 69 -12.77 -3.03 9.56
C SER B 69 -13.55 -2.99 8.25
N PRO B 70 -14.78 -3.54 8.25
CA PRO B 70 -15.59 -3.50 7.01
C PRO B 70 -16.22 -2.12 6.83
N ILE B 71 -16.10 -1.29 7.86
CA ILE B 71 -16.64 0.07 7.89
C ILE B 71 -15.54 1.12 8.00
N ASP B 72 -15.74 2.23 7.27
CA ASP B 72 -14.84 3.39 7.26
C ASP B 72 -15.26 4.19 8.50
N PRO B 73 -14.36 4.32 9.51
CA PRO B 73 -14.68 5.06 10.74
C PRO B 73 -14.93 6.58 10.61
N GLN B 74 -14.57 7.15 9.47
CA GLN B 74 -14.79 8.59 9.24
C GLN B 74 -16.17 8.83 8.63
N THR B 75 -16.48 8.10 7.56
CA THR B 75 -17.77 8.25 6.88
C THR B 75 -18.88 7.40 7.52
N ASN B 76 -18.47 6.39 8.28
CA ASN B 76 -19.35 5.42 8.96
C ASN B 76 -20.14 4.54 7.96
N LYS B 77 -19.67 4.59 6.71
CA LYS B 77 -20.18 3.84 5.57
C LYS B 77 -19.14 2.77 5.26
N PRO B 78 -19.52 1.72 4.48
CA PRO B 78 -18.46 0.75 4.19
C PRO B 78 -17.46 1.32 3.20
N TRP B 79 -16.29 0.68 3.12
CA TRP B 79 -15.24 1.08 2.19
C TRP B 79 -15.77 0.79 0.79
N PRO B 80 -15.37 1.58 -0.24
CA PRO B 80 -15.85 1.35 -1.60
C PRO B 80 -15.44 -0.04 -2.08
N ALA B 81 -16.15 -0.57 -3.07
CA ALA B 81 -15.84 -1.86 -3.65
C ALA B 81 -14.49 -1.73 -4.36
N MET B 82 -13.72 -2.82 -4.38
CA MET B 82 -12.43 -2.82 -5.05
C MET B 82 -12.69 -2.72 -6.56
N PRO B 83 -12.14 -1.69 -7.23
CA PRO B 83 -12.35 -1.53 -8.68
C PRO B 83 -11.87 -2.75 -9.48
N GLN B 84 -12.48 -2.96 -10.64
CA GLN B 84 -12.13 -4.10 -11.50
C GLN B 84 -10.66 -4.01 -11.96
N SER B 85 -10.20 -2.79 -12.23
CA SER B 85 -8.83 -2.50 -12.65
C SER B 85 -7.82 -2.89 -11.59
N PHE B 86 -8.22 -2.72 -10.33
CA PHE B 86 -7.41 -3.08 -9.15
C PHE B 86 -7.30 -4.60 -9.07
N HIS B 87 -8.46 -5.28 -9.12
CA HIS B 87 -8.54 -6.76 -9.08
C HIS B 87 -7.73 -7.42 -10.19
N ASN B 88 -7.88 -6.88 -11.41
CA ASN B 88 -7.20 -7.39 -12.62
C ASN B 88 -5.68 -7.25 -12.58
N LEU B 89 -5.19 -6.11 -12.09
CA LEU B 89 -3.75 -5.87 -11.98
C LEU B 89 -3.12 -6.72 -10.89
N CYS B 90 -3.79 -6.82 -9.75
CA CYS B 90 -3.31 -7.63 -8.62
C CYS B 90 -3.25 -9.11 -8.97
N GLN B 91 -4.26 -9.57 -9.73
CA GLN B 91 -4.33 -10.96 -10.18
C GLN B 91 -3.18 -11.27 -11.14
N ARG B 92 -2.90 -10.34 -12.06
CA ARG B 92 -1.80 -10.51 -13.03
C ARG B 92 -0.43 -10.50 -12.33
N ALA B 93 -0.28 -9.59 -11.37
CA ALA B 93 0.95 -9.44 -10.60
C ALA B 93 1.24 -10.65 -9.73
N ALA B 94 0.22 -11.11 -9.01
CA ALA B 94 0.31 -12.27 -8.12
C ALA B 94 0.59 -13.57 -8.87
N THR B 95 -0.05 -13.75 -10.02
CA THR B 95 0.13 -14.94 -10.88
C THR B 95 1.55 -15.01 -11.45
N ALA B 96 2.07 -13.85 -11.85
CA ALA B 96 3.42 -13.74 -12.40
C ALA B 96 4.50 -14.00 -11.34
N ALA B 97 4.11 -13.84 -10.07
CA ALA B 97 4.99 -14.03 -8.92
C ALA B 97 4.96 -15.44 -8.32
N GLY B 98 4.01 -16.26 -8.76
CA GLY B 98 3.90 -17.62 -8.26
C GLY B 98 2.80 -17.81 -7.24
N TYR B 99 1.84 -16.88 -7.21
CA TYR B 99 0.69 -16.91 -6.30
C TYR B 99 -0.64 -16.73 -7.08
N PRO B 100 -1.04 -17.72 -7.93
CA PRO B 100 -2.29 -17.56 -8.69
C PRO B 100 -3.59 -17.69 -7.89
N ASP B 101 -3.47 -18.19 -6.65
CA ASP B 101 -4.62 -18.39 -5.76
C ASP B 101 -4.90 -17.20 -4.84
N PHE B 102 -4.01 -16.19 -4.88
CA PHE B 102 -4.14 -14.96 -4.07
C PHE B 102 -5.39 -14.17 -4.46
N GLN B 103 -6.28 -13.99 -3.49
CA GLN B 103 -7.51 -13.24 -3.69
C GLN B 103 -7.66 -12.21 -2.58
N PRO B 104 -7.28 -10.93 -2.86
CA PRO B 104 -7.37 -9.86 -1.87
C PRO B 104 -8.80 -9.37 -1.58
N ASP B 105 -9.02 -8.99 -0.33
CA ASP B 105 -10.30 -8.47 0.13
C ASP B 105 -10.11 -7.09 0.74
N ALA B 106 -8.87 -6.59 0.66
CA ALA B 106 -8.49 -5.30 1.19
C ALA B 106 -7.37 -4.66 0.37
N CYS B 107 -7.51 -3.36 0.12
CA CYS B 107 -6.50 -2.60 -0.60
C CYS B 107 -6.32 -1.23 0.08
N LEU B 108 -5.19 -1.07 0.76
CA LEU B 108 -4.87 0.18 1.44
C LEU B 108 -4.21 1.12 0.45
N ILE B 109 -4.80 2.29 0.27
CA ILE B 109 -4.30 3.30 -0.64
C ILE B 109 -3.63 4.42 0.15
N ASN B 110 -2.32 4.55 -0.06
CA ASN B 110 -1.50 5.56 0.58
C ASN B 110 -1.23 6.72 -0.37
N ARG B 111 -1.42 7.96 0.10
CA ARG B 111 -1.11 9.15 -0.72
C ARG B 111 0.04 9.87 -0.02
N TYR B 112 1.11 10.11 -0.77
CA TYR B 112 2.30 10.79 -0.26
C TYR B 112 2.45 12.18 -0.83
N ALA B 113 2.30 13.19 0.02
CA ALA B 113 2.48 14.61 -0.34
C ALA B 113 4.00 14.84 -0.24
N PRO B 114 4.54 15.95 -0.81
CA PRO B 114 6.00 16.15 -0.69
C PRO B 114 6.44 16.29 0.78
N GLY B 115 7.39 15.45 1.17
CA GLY B 115 7.91 15.45 2.52
C GLY B 115 7.26 14.40 3.41
N ALA B 116 6.17 13.80 2.93
CA ALA B 116 5.43 12.77 3.67
C ALA B 116 6.28 11.51 3.80
N LYS B 117 6.25 10.93 5.01
CA LYS B 117 7.04 9.74 5.32
C LYS B 117 6.27 8.70 6.12
N LEU B 118 6.91 7.55 6.29
CA LEU B 118 6.35 6.44 7.03
C LEU B 118 7.54 5.78 7.71
N SER B 119 7.55 5.82 9.04
CA SER B 119 8.65 5.23 9.84
C SER B 119 8.55 3.71 9.88
N LEU B 120 9.67 3.08 10.29
CA LEU B 120 9.78 1.62 10.37
C LEU B 120 8.69 0.88 11.12
N HIS B 121 8.08 -0.08 10.42
CA HIS B 121 7.00 -0.90 10.97
C HIS B 121 6.88 -2.23 10.21
N GLN B 122 6.04 -3.10 10.75
CA GLN B 122 5.74 -4.38 10.15
C GLN B 122 4.24 -4.38 9.87
N ASP B 123 3.86 -5.12 8.83
CA ASP B 123 2.46 -5.30 8.46
C ASP B 123 2.11 -6.67 9.00
N LYS B 124 1.54 -6.68 10.21
CA LYS B 124 1.17 -7.92 10.89
C LYS B 124 -0.24 -7.97 11.50
N ASP B 125 -1.20 -7.36 10.80
CA ASP B 125 -2.59 -7.33 11.25
C ASP B 125 -3.42 -8.38 10.49
N GLU B 126 -2.77 -9.01 9.53
CA GLU B 126 -3.36 -10.04 8.67
C GLU B 126 -3.31 -11.41 9.39
N PRO B 127 -4.37 -12.24 9.26
CA PRO B 127 -4.44 -13.57 9.89
C PRO B 127 -3.39 -14.59 9.46
N ASP B 128 -3.08 -14.63 8.16
CA ASP B 128 -2.08 -15.56 7.62
C ASP B 128 -0.93 -14.76 7.01
N LEU B 129 0.18 -14.72 7.74
CA LEU B 129 1.38 -13.99 7.34
C LEU B 129 2.18 -14.67 6.21
N ARG B 130 1.69 -15.81 5.74
CA ARG B 130 2.28 -16.56 4.62
C ARG B 130 1.77 -15.98 3.32
N ALA B 131 0.58 -15.38 3.39
CA ALA B 131 -0.06 -14.73 2.24
C ALA B 131 0.71 -13.43 1.94
N PRO B 132 1.10 -13.21 0.67
CA PRO B 132 1.86 -12.01 0.28
C PRO B 132 1.07 -10.70 0.25
N ILE B 133 1.78 -9.61 0.04
CA ILE B 133 1.17 -8.27 -0.09
C ILE B 133 1.66 -7.77 -1.45
N VAL B 134 0.72 -7.35 -2.29
CA VAL B 134 1.03 -6.84 -3.62
C VAL B 134 1.04 -5.31 -3.55
N SER B 135 2.23 -4.74 -3.76
CA SER B 135 2.46 -3.30 -3.73
C SER B 135 2.52 -2.70 -5.12
N VAL B 136 1.71 -1.67 -5.36
CA VAL B 136 1.67 -0.98 -6.65
C VAL B 136 1.96 0.49 -6.41
N SER B 137 2.99 1.01 -7.06
CA SER B 137 3.39 2.42 -6.92
C SER B 137 3.01 3.23 -8.15
N LEU B 138 2.50 4.44 -7.90
CA LEU B 138 2.08 5.36 -8.96
C LEU B 138 2.54 6.78 -8.64
N GLY B 139 2.98 7.50 -9.67
CA GLY B 139 3.41 8.88 -9.49
C GLY B 139 4.87 9.14 -9.18
N LEU B 140 5.10 10.11 -8.29
CA LEU B 140 6.45 10.51 -7.87
C LEU B 140 7.25 9.37 -7.24
N PRO B 141 8.59 9.31 -7.49
CA PRO B 141 9.39 8.23 -6.91
C PRO B 141 9.63 8.38 -5.41
N ALA B 142 9.74 7.24 -4.72
CA ALA B 142 10.01 7.21 -3.28
C ALA B 142 11.03 6.14 -2.96
N ILE B 143 11.74 6.36 -1.85
CA ILE B 143 12.74 5.42 -1.38
C ILE B 143 12.11 4.54 -0.30
N PHE B 144 12.01 3.25 -0.63
CA PHE B 144 11.49 2.24 0.27
C PHE B 144 12.68 1.69 1.05
N GLN B 145 12.65 1.85 2.37
CA GLN B 145 13.72 1.35 3.23
C GLN B 145 13.25 0.14 4.02
N PHE B 146 14.13 -0.86 4.14
CA PHE B 146 13.80 -2.11 4.85
C PHE B 146 14.96 -2.76 5.61
N GLY B 147 14.62 -3.39 6.73
CA GLY B 147 15.60 -4.05 7.57
C GLY B 147 15.47 -5.56 7.48
N GLY B 148 15.23 -6.20 8.62
CA GLY B 148 15.09 -7.65 8.67
C GLY B 148 13.98 -8.03 9.64
N LEU B 149 14.22 -9.11 10.39
CA LEU B 149 13.25 -9.61 11.38
C LEU B 149 13.19 -8.71 12.63
N LYS B 150 14.32 -8.09 12.96
CA LYS B 150 14.44 -7.18 14.10
C LYS B 150 14.50 -5.74 13.61
N ARG B 151 14.20 -4.80 14.51
CA ARG B 151 14.18 -3.36 14.22
C ARG B 151 15.57 -2.73 14.05
N ASN B 152 16.57 -3.35 14.68
CA ASN B 152 17.96 -2.89 14.63
C ASN B 152 18.83 -3.54 13.54
N ASP B 153 18.19 -4.30 12.65
CA ASP B 153 18.87 -4.99 11.53
C ASP B 153 19.27 -3.98 10.43
N PRO B 154 20.43 -4.20 9.73
CA PRO B 154 20.92 -3.32 8.66
C PRO B 154 19.92 -2.92 7.56
N LEU B 155 19.73 -1.60 7.43
CA LEU B 155 18.80 -1.01 6.47
C LEU B 155 19.29 -0.94 5.01
N LYS B 156 18.44 -1.41 4.10
CA LYS B 156 18.70 -1.39 2.66
C LYS B 156 17.64 -0.51 2.00
N ARG B 157 18.02 0.15 0.90
CA ARG B 157 17.11 1.05 0.17
C ARG B 157 16.71 0.53 -1.22
N LEU B 158 15.48 0.85 -1.63
CA LEU B 158 14.94 0.47 -2.93
C LEU B 158 14.01 1.58 -3.45
N LEU B 159 14.34 2.17 -4.60
CA LEU B 159 13.50 3.22 -5.18
C LEU B 159 12.33 2.55 -5.89
N LEU B 160 11.12 3.05 -5.61
CA LEU B 160 9.89 2.55 -6.21
C LEU B 160 9.34 3.70 -7.02
N GLU B 161 9.28 3.48 -8.34
CA GLU B 161 8.81 4.48 -9.28
C GLU B 161 7.44 4.15 -9.86
N HIS B 162 6.97 5.05 -10.71
CA HIS B 162 5.67 4.95 -11.39
C HIS B 162 5.50 3.61 -12.11
N GLY B 163 4.46 2.89 -11.69
CA GLY B 163 4.13 1.59 -12.27
C GLY B 163 4.78 0.38 -11.63
N ASP B 164 5.73 0.59 -10.72
CA ASP B 164 6.43 -0.50 -10.04
C ASP B 164 5.57 -1.35 -9.12
N VAL B 165 5.57 -2.65 -9.39
CA VAL B 165 4.83 -3.61 -8.60
C VAL B 165 5.81 -4.55 -7.91
N VAL B 166 5.59 -4.75 -6.61
CA VAL B 166 6.41 -5.69 -5.85
C VAL B 166 5.44 -6.61 -5.13
N VAL B 167 5.74 -7.90 -5.15
CA VAL B 167 4.92 -8.89 -4.45
C VAL B 167 5.82 -9.31 -3.29
N TRP B 168 5.44 -8.85 -2.09
CA TRP B 168 6.19 -9.15 -0.88
C TRP B 168 5.78 -10.47 -0.26
N GLY B 169 6.51 -11.52 -0.60
CA GLY B 169 6.23 -12.85 -0.07
C GLY B 169 7.40 -13.40 0.71
N GLY B 170 7.22 -14.60 1.27
CA GLY B 170 8.26 -15.26 2.04
C GLY B 170 8.76 -14.48 3.24
N GLU B 171 10.09 -14.31 3.29
CA GLU B 171 10.77 -13.59 4.37
C GLU B 171 10.51 -12.09 4.32
N SER B 172 10.48 -11.54 3.11
CA SER B 172 10.27 -10.12 2.86
C SER B 172 8.95 -9.55 3.39
N ARG B 173 7.96 -10.45 3.54
CA ARG B 173 6.63 -10.15 4.03
C ARG B 173 6.66 -9.63 5.48
N LEU B 174 7.59 -10.15 6.28
CA LEU B 174 7.75 -9.79 7.68
C LEU B 174 8.85 -8.77 7.99
N PHE B 175 9.43 -8.16 6.96
CA PHE B 175 10.49 -7.15 7.11
C PHE B 175 9.98 -5.84 7.69
N TYR B 176 10.80 -5.23 8.57
CA TYR B 176 10.49 -3.91 9.12
C TYR B 176 10.76 -2.98 7.95
N HIS B 177 9.81 -2.08 7.68
CA HIS B 177 9.93 -1.19 6.53
C HIS B 177 9.29 0.19 6.67
N GLY B 178 9.64 1.07 5.74
CA GLY B 178 9.11 2.42 5.72
C GLY B 178 9.45 3.16 4.45
N ILE B 179 9.05 4.44 4.41
CA ILE B 179 9.29 5.32 3.27
C ILE B 179 9.98 6.59 3.78
N GLN B 180 11.04 6.99 3.07
CA GLN B 180 11.80 8.21 3.40
C GLN B 180 10.99 9.44 2.91
N PRO B 181 11.18 10.64 3.51
CA PRO B 181 10.44 11.85 3.08
C PRO B 181 10.39 11.99 1.55
N LEU B 182 9.18 12.04 1.00
CA LEU B 182 8.99 12.14 -0.45
C LEU B 182 9.55 13.44 -1.01
N LYS B 183 10.52 13.31 -1.91
CA LYS B 183 11.16 14.45 -2.58
C LYS B 183 10.11 15.14 -3.48
N ALA B 184 10.13 16.47 -3.49
CA ALA B 184 9.23 17.27 -4.32
C ALA B 184 9.55 17.08 -5.79
N GLY B 185 8.56 17.33 -6.65
CA GLY B 185 8.75 17.19 -8.07
C GLY B 185 7.45 17.17 -8.84
N PHE B 186 7.53 16.81 -10.12
CA PHE B 186 6.37 16.76 -10.98
C PHE B 186 6.19 15.41 -11.68
N HIS B 187 4.93 15.00 -11.81
CA HIS B 187 4.56 13.77 -12.53
C HIS B 187 3.31 14.07 -13.36
N PRO B 188 3.31 13.71 -14.68
CA PRO B 188 2.17 13.96 -15.58
C PRO B 188 0.79 13.48 -15.14
N LEU B 189 0.75 12.31 -14.51
CA LEU B 189 -0.51 11.70 -14.08
C LEU B 189 -1.03 11.99 -12.66
N THR B 190 -0.13 12.27 -11.72
CA THR B 190 -0.53 12.53 -10.33
C THR B 190 -0.26 13.96 -9.85
N ILE B 191 0.39 14.75 -10.71
CA ILE B 191 0.79 16.15 -10.46
C ILE B 191 1.91 16.36 -9.43
N ASP B 192 1.60 16.21 -8.14
CA ASP B 192 2.58 16.45 -7.08
C ASP B 192 2.64 15.39 -5.97
N CYS B 193 2.12 14.20 -6.26
CA CYS B 193 2.10 13.15 -5.23
C CYS B 193 2.43 11.75 -5.74
N ARG B 194 2.45 10.81 -4.80
CA ARG B 194 2.69 9.40 -5.07
C ARG B 194 1.54 8.65 -4.42
N TYR B 195 1.06 7.63 -5.13
CA TYR B 195 0.02 6.75 -4.64
C TYR B 195 0.62 5.35 -4.52
N ASN B 196 0.20 4.63 -3.48
CA ASN B 196 0.63 3.25 -3.29
C ASN B 196 -0.52 2.41 -2.84
N LEU B 197 -0.75 1.33 -3.58
CA LEU B 197 -1.80 0.37 -3.31
C LEU B 197 -1.15 -0.87 -2.75
N THR B 198 -1.66 -1.36 -1.62
CA THR B 198 -1.15 -2.59 -1.04
C THR B 198 -2.33 -3.53 -0.84
N PHE B 199 -2.39 -4.55 -1.70
CA PHE B 199 -3.45 -5.56 -1.67
C PHE B 199 -3.15 -6.60 -0.61
N ARG B 200 -4.14 -6.86 0.24
CA ARG B 200 -4.00 -7.80 1.35
C ARG B 200 -5.14 -8.80 1.48
N GLN B 201 -4.79 -9.96 2.05
CA GLN B 201 -5.74 -11.02 2.35
C GLN B 201 -5.91 -10.80 3.85
N ALA B 202 -6.96 -10.05 4.18
CA ALA B 202 -7.25 -9.65 5.55
C ALA B 202 -8.32 -10.43 6.30
N GLY B 203 -9.23 -11.08 5.58
CA GLY B 203 -10.30 -11.85 6.21
C GLY B 203 -9.91 -13.22 6.72
N LYS B 204 -10.60 -13.73 7.63
#